data_1GKD
#
_entry.id   1GKD
#
_cell.length_a   56.523
_cell.length_b   56.523
_cell.length_c   263.761
_cell.angle_alpha   90.00
_cell.angle_beta   90.00
_cell.angle_gamma   90.00
#
_symmetry.space_group_name_H-M   'P 41 21 2'
#
loop_
_entity.id
_entity.type
_entity.pdbx_description
1 polymer '92 KDA TYPE IV COLLAGENASE'
2 non-polymer 'CALCIUM ION'
3 non-polymer '2-{[FORMYL(HYDROXY)AMINO]METHYL}-4-METHYLPENTANOIC ACID'
4 non-polymer 2-AMINO-N,3,3-TRIMETHYLBUTANAMIDE
5 non-polymer 'ZINC ION'
6 water water
#
_entity_poly.entity_id   1
_entity_poly.type   'polypeptide(L)'
_entity_poly.pdbx_seq_one_letter_code
;MFQTFEGDLKWHHHNITYWIQNYSEDLPRAVIDDAFARAFALWSAVTPLTFTRVYSRDADIVIQFGVAEHGDGYPFDGKD
GLLAHAFPPGPGIQGDAHFDDDELWSLGKGQGYSLFLVAAHQFGHALGLDHSSVPEALMYPMYRFTEGPPLHKDDVNGIR
HLY
;
_entity_poly.pdbx_strand_id   A,B
#
# COMPACT_ATOMS: atom_id res chain seq x y z
N PHE A 5 1.45 -19.00 -22.29
CA PHE A 5 0.78 -17.69 -22.09
C PHE A 5 1.49 -16.58 -22.87
N GLU A 6 2.00 -16.93 -24.05
CA GLU A 6 2.70 -15.97 -24.90
C GLU A 6 2.22 -16.12 -26.35
N GLY A 7 1.08 -15.52 -26.67
CA GLY A 7 0.54 -15.60 -28.01
C GLY A 7 1.09 -14.50 -28.91
N ASP A 8 0.48 -14.32 -30.08
CA ASP A 8 0.92 -13.31 -31.04
C ASP A 8 -0.24 -12.50 -31.66
N LEU A 9 -1.22 -12.17 -30.84
CA LEU A 9 -2.38 -11.40 -31.30
C LEU A 9 -2.57 -10.14 -30.46
N LYS A 10 -3.21 -9.13 -31.04
CA LYS A 10 -3.49 -7.89 -30.32
C LYS A 10 -4.99 -7.65 -30.44
N TRP A 11 -5.52 -6.68 -29.71
CA TRP A 11 -6.94 -6.38 -29.78
C TRP A 11 -7.22 -5.57 -31.03
N HIS A 12 -8.34 -5.87 -31.70
CA HIS A 12 -8.72 -5.14 -32.90
C HIS A 12 -9.58 -3.91 -32.62
N HIS A 13 -9.90 -3.67 -31.36
CA HIS A 13 -10.67 -2.48 -30.99
C HIS A 13 -9.88 -1.76 -29.91
N HIS A 14 -10.16 -0.47 -29.72
CA HIS A 14 -9.43 0.30 -28.73
C HIS A 14 -10.21 0.59 -27.45
N ASN A 15 -11.52 0.34 -27.48
CA ASN A 15 -12.37 0.55 -26.31
C ASN A 15 -12.53 -0.77 -25.58
N ILE A 16 -11.53 -1.06 -24.76
CA ILE A 16 -11.46 -2.30 -24.01
C ILE A 16 -12.25 -2.22 -22.71
N THR A 17 -12.97 -3.30 -22.41
CA THR A 17 -13.78 -3.36 -21.20
C THR A 17 -13.23 -4.40 -20.23
N TYR A 18 -13.47 -4.18 -18.94
CA TYR A 18 -13.01 -5.14 -17.93
C TYR A 18 -14.04 -5.36 -16.83
N TRP A 19 -14.02 -6.55 -16.26
CA TRP A 19 -14.95 -6.86 -15.20
C TRP A 19 -14.24 -7.48 -14.02
N ILE A 20 -14.43 -6.88 -12.84
CA ILE A 20 -13.83 -7.40 -11.63
C ILE A 20 -14.83 -8.39 -11.06
N GLN A 21 -14.59 -9.66 -11.35
CA GLN A 21 -15.46 -10.75 -10.94
C GLN A 21 -15.57 -10.92 -9.43
N ASN A 22 -14.44 -10.91 -8.74
CA ASN A 22 -14.46 -11.05 -7.28
C ASN A 22 -13.30 -10.32 -6.66
N TYR A 23 -13.17 -10.44 -5.33
CA TYR A 23 -12.13 -9.74 -4.59
C TYR A 23 -11.31 -10.60 -3.64
N SER A 24 -10.20 -10.03 -3.17
CA SER A 24 -9.33 -10.70 -2.20
C SER A 24 -9.80 -10.24 -0.83
N GLU A 25 -9.53 -11.04 0.21
CA GLU A 25 -9.93 -10.68 1.57
C GLU A 25 -8.92 -9.77 2.27
N ASP A 26 -7.80 -9.49 1.62
CA ASP A 26 -6.74 -8.66 2.22
C ASP A 26 -6.95 -7.15 2.22
N LEU A 27 -7.73 -6.63 1.27
CA LEU A 27 -7.92 -5.20 1.17
C LEU A 27 -9.38 -4.82 0.91
N PRO A 28 -9.78 -3.57 1.26
CA PRO A 28 -11.14 -3.09 1.04
C PRO A 28 -11.44 -3.06 -0.47
N ARG A 29 -12.69 -3.33 -0.84
CA ARG A 29 -13.04 -3.34 -2.25
C ARG A 29 -12.72 -2.01 -2.93
N ALA A 30 -12.88 -0.91 -2.22
CA ALA A 30 -12.59 0.42 -2.78
C ALA A 30 -11.11 0.60 -3.13
N VAL A 31 -10.25 0.04 -2.30
CA VAL A 31 -8.81 0.12 -2.53
C VAL A 31 -8.43 -0.72 -3.74
N ILE A 32 -9.09 -1.87 -3.88
CA ILE A 32 -8.84 -2.78 -5.00
C ILE A 32 -9.32 -2.17 -6.34
N ASP A 33 -10.53 -1.62 -6.35
CA ASP A 33 -11.07 -1.00 -7.57
C ASP A 33 -10.10 0.08 -8.04
N ASP A 34 -9.71 0.94 -7.10
CA ASP A 34 -8.81 2.04 -7.39
C ASP A 34 -7.46 1.58 -7.92
N ALA A 35 -6.91 0.52 -7.31
CA ALA A 35 -5.62 -0.02 -7.74
C ALA A 35 -5.67 -0.51 -9.18
N PHE A 36 -6.73 -1.23 -9.55
CA PHE A 36 -6.88 -1.73 -10.91
C PHE A 36 -7.04 -0.58 -11.90
N ALA A 37 -7.85 0.41 -11.52
CA ALA A 37 -8.07 1.56 -12.39
C ALA A 37 -6.76 2.31 -12.64
N ARG A 38 -5.97 2.52 -11.58
CA ARG A 38 -4.70 3.22 -11.76
C ARG A 38 -3.75 2.38 -12.61
N ALA A 39 -3.88 1.06 -12.55
CA ALA A 39 -3.01 0.18 -13.33
C ALA A 39 -3.31 0.35 -14.83
N PHE A 40 -4.58 0.36 -15.19
CA PHE A 40 -4.97 0.55 -16.59
C PHE A 40 -4.59 1.94 -17.10
N ALA A 41 -4.65 2.94 -16.23
CA ALA A 41 -4.32 4.31 -16.60
C ALA A 41 -2.88 4.47 -17.10
N LEU A 42 -2.00 3.62 -16.60
CA LEU A 42 -0.60 3.64 -16.99
C LEU A 42 -0.49 3.43 -18.49
N TRP A 43 -1.25 2.46 -18.99
CA TRP A 43 -1.21 2.11 -20.40
C TRP A 43 -2.03 3.02 -21.33
N SER A 44 -3.18 3.50 -20.87
CA SER A 44 -3.97 4.37 -21.72
C SER A 44 -3.30 5.74 -21.85
N ALA A 45 -2.40 6.06 -20.92
CA ALA A 45 -1.70 7.33 -20.96
C ALA A 45 -0.75 7.43 -22.15
N VAL A 46 -0.17 6.29 -22.57
CA VAL A 46 0.76 6.29 -23.68
C VAL A 46 0.25 5.64 -24.96
N THR A 47 -1.06 5.46 -25.07
CA THR A 47 -1.66 4.86 -26.25
C THR A 47 -3.04 5.44 -26.50
N PRO A 48 -3.70 5.03 -27.61
CA PRO A 48 -5.05 5.52 -27.92
C PRO A 48 -6.14 4.63 -27.31
N LEU A 49 -5.72 3.66 -26.49
CA LEU A 49 -6.64 2.75 -25.84
C LEU A 49 -7.39 3.41 -24.67
N THR A 50 -8.57 2.87 -24.36
CA THR A 50 -9.36 3.35 -23.23
C THR A 50 -9.88 2.10 -22.52
N PHE A 51 -10.22 2.22 -21.25
CA PHE A 51 -10.70 1.09 -20.49
C PHE A 51 -11.99 1.43 -19.77
N THR A 52 -13.00 0.58 -19.95
CA THR A 52 -14.30 0.80 -19.35
C THR A 52 -14.73 -0.36 -18.44
N ARG A 53 -15.08 -0.04 -17.21
CA ARG A 53 -15.51 -1.07 -16.28
C ARG A 53 -16.97 -1.44 -16.51
N VAL A 54 -17.21 -2.74 -16.67
CA VAL A 54 -18.56 -3.25 -16.89
C VAL A 54 -18.86 -4.30 -15.82
N TYR A 55 -20.07 -4.85 -15.81
CA TYR A 55 -20.43 -5.85 -14.82
C TYR A 55 -20.98 -7.17 -15.36
N SER A 56 -20.68 -7.47 -16.61
CA SER A 56 -21.16 -8.71 -17.20
C SER A 56 -19.97 -9.54 -17.66
N ARG A 57 -20.19 -10.81 -17.94
CA ARG A 57 -19.12 -11.71 -18.38
C ARG A 57 -18.70 -11.36 -19.79
N ASP A 58 -19.40 -10.41 -20.41
CA ASP A 58 -19.10 -10.00 -21.78
C ASP A 58 -17.91 -9.06 -21.90
N ALA A 59 -17.28 -8.76 -20.77
CA ALA A 59 -16.11 -7.89 -20.76
C ALA A 59 -14.95 -8.56 -21.49
N ASP A 60 -14.04 -7.75 -22.04
CA ASP A 60 -12.88 -8.32 -22.74
C ASP A 60 -11.93 -8.91 -21.70
N ILE A 61 -11.66 -8.14 -20.65
CA ILE A 61 -10.74 -8.58 -19.61
C ILE A 61 -11.45 -8.89 -18.30
N VAL A 62 -11.53 -10.17 -17.95
CA VAL A 62 -12.16 -10.57 -16.70
C VAL A 62 -11.09 -10.78 -15.62
N ILE A 63 -11.28 -10.13 -14.48
CA ILE A 63 -10.34 -10.20 -13.38
C ILE A 63 -10.86 -11.11 -12.28
N GLN A 64 -10.01 -12.01 -11.80
CA GLN A 64 -10.41 -12.97 -10.79
C GLN A 64 -9.31 -13.33 -9.79
N PHE A 65 -9.69 -13.51 -8.52
CA PHE A 65 -8.76 -13.92 -7.47
C PHE A 65 -9.05 -15.38 -7.18
N GLY A 66 -8.05 -16.24 -7.24
CA GLY A 66 -8.31 -17.65 -6.99
C GLY A 66 -7.28 -18.34 -6.12
N VAL A 67 -7.62 -19.55 -5.70
CA VAL A 67 -6.75 -20.39 -4.85
C VAL A 67 -6.51 -21.73 -5.53
N ALA A 68 -5.26 -22.18 -5.55
CA ALA A 68 -4.93 -23.46 -6.18
C ALA A 68 -5.59 -23.62 -7.56
N GLU A 69 -6.25 -24.75 -7.82
CA GLU A 69 -6.91 -24.95 -9.11
C GLU A 69 -8.18 -24.10 -9.10
N HIS A 70 -8.34 -23.23 -10.09
CA HIS A 70 -9.49 -22.31 -10.12
C HIS A 70 -10.25 -22.21 -11.42
N GLY A 71 -10.23 -23.25 -12.24
CA GLY A 71 -10.95 -23.18 -13.48
C GLY A 71 -10.14 -23.67 -14.66
N ASP A 72 -9.24 -22.81 -15.15
CA ASP A 72 -8.39 -23.19 -16.26
C ASP A 72 -7.48 -24.32 -15.84
N GLY A 73 -6.55 -24.69 -16.70
CA GLY A 73 -5.66 -25.78 -16.35
C GLY A 73 -4.31 -25.37 -15.81
N TYR A 74 -4.26 -24.31 -14.99
CA TYR A 74 -2.99 -23.85 -14.44
C TYR A 74 -3.18 -23.36 -13.01
N PRO A 75 -3.26 -24.29 -12.05
CA PRO A 75 -3.45 -23.95 -10.64
C PRO A 75 -2.30 -23.16 -10.04
N PHE A 76 -2.60 -22.34 -9.04
CA PHE A 76 -1.59 -21.54 -8.38
C PHE A 76 -0.84 -22.44 -7.40
N ASP A 77 0.28 -21.97 -6.88
CA ASP A 77 1.10 -22.77 -5.98
C ASP A 77 1.23 -22.37 -4.51
N GLY A 78 0.17 -21.82 -3.92
CA GLY A 78 0.25 -21.43 -2.52
C GLY A 78 1.11 -20.18 -2.33
N LYS A 79 1.44 -19.82 -1.09
CA LYS A 79 2.24 -18.61 -0.84
C LYS A 79 3.57 -18.53 -1.59
N ASP A 80 3.85 -17.35 -2.15
CA ASP A 80 5.07 -17.10 -2.91
C ASP A 80 5.14 -17.89 -4.20
N GLY A 81 6.24 -17.74 -4.92
CA GLY A 81 6.39 -18.44 -6.18
C GLY A 81 5.60 -17.68 -7.23
N LEU A 82 4.72 -18.36 -7.95
CA LEU A 82 3.91 -17.74 -8.99
C LEU A 82 2.93 -16.75 -8.36
N LEU A 83 3.05 -15.46 -8.69
CA LEU A 83 2.14 -14.47 -8.11
C LEU A 83 0.79 -14.35 -8.83
N ALA A 84 0.81 -14.47 -10.15
CA ALA A 84 -0.40 -14.35 -10.96
C ALA A 84 -0.08 -14.64 -12.41
N HIS A 85 -1.11 -14.71 -13.25
CA HIS A 85 -0.89 -14.95 -14.67
C HIS A 85 -2.04 -14.42 -15.52
N ALA A 86 -1.78 -14.14 -16.79
CA ALA A 86 -2.81 -13.62 -17.68
C ALA A 86 -2.69 -14.26 -19.05
N PHE A 87 -3.70 -14.08 -19.90
CA PHE A 87 -3.69 -14.67 -21.23
C PHE A 87 -3.68 -13.60 -22.31
N PRO A 88 -3.04 -13.89 -23.45
CA PRO A 88 -2.94 -12.97 -24.60
C PRO A 88 -4.32 -12.61 -25.14
N PRO A 89 -4.41 -11.51 -25.90
CA PRO A 89 -5.70 -11.07 -26.48
C PRO A 89 -6.45 -12.19 -27.24
N GLY A 90 -7.78 -12.16 -27.15
CA GLY A 90 -8.58 -13.16 -27.82
C GLY A 90 -9.95 -13.34 -27.17
N PRO A 91 -10.76 -14.29 -27.65
CA PRO A 91 -12.09 -14.51 -27.05
C PRO A 91 -12.08 -15.45 -25.84
N GLY A 92 -13.19 -15.47 -25.13
CA GLY A 92 -13.29 -16.36 -23.98
C GLY A 92 -12.30 -16.07 -22.87
N ILE A 93 -11.56 -17.10 -22.41
CA ILE A 93 -10.61 -16.89 -21.33
C ILE A 93 -9.43 -16.00 -21.73
N GLN A 94 -9.18 -15.91 -23.04
CA GLN A 94 -8.10 -15.08 -23.57
C GLN A 94 -8.24 -13.64 -23.08
N GLY A 95 -7.14 -13.05 -22.61
CA GLY A 95 -7.19 -11.67 -22.15
C GLY A 95 -7.44 -11.51 -20.66
N ASP A 96 -7.95 -12.55 -20.00
CA ASP A 96 -8.24 -12.50 -18.57
C ASP A 96 -6.98 -12.47 -17.70
N ALA A 97 -7.15 -12.00 -16.47
CA ALA A 97 -6.03 -11.91 -15.52
C ALA A 97 -6.47 -12.49 -14.18
N HIS A 98 -5.66 -13.43 -13.67
CA HIS A 98 -5.93 -14.11 -12.42
C HIS A 98 -4.85 -13.82 -11.37
N PHE A 99 -5.25 -13.59 -10.12
CA PHE A 99 -4.29 -13.32 -9.05
C PHE A 99 -4.38 -14.40 -7.97
N ASP A 100 -3.23 -14.89 -7.52
CA ASP A 100 -3.19 -15.93 -6.49
C ASP A 100 -3.53 -15.32 -5.12
N ASP A 101 -4.66 -15.73 -4.54
CA ASP A 101 -5.02 -15.16 -3.25
C ASP A 101 -4.34 -15.82 -2.08
N ASP A 102 -3.46 -16.77 -2.31
CA ASP A 102 -2.74 -17.36 -1.19
C ASP A 102 -1.59 -16.40 -0.85
N GLU A 103 -1.45 -15.35 -1.66
CA GLU A 103 -0.43 -14.33 -1.46
C GLU A 103 -1.01 -13.22 -0.58
N LEU A 104 -0.15 -12.47 0.10
CA LEU A 104 -0.61 -11.36 0.92
C LEU A 104 -0.53 -10.12 0.03
N TRP A 105 -1.69 -9.59 -0.35
CA TRP A 105 -1.73 -8.41 -1.22
C TRP A 105 -1.78 -7.15 -0.40
N SER A 106 -0.95 -6.19 -0.82
CA SER A 106 -0.86 -4.90 -0.16
C SER A 106 -0.49 -3.83 -1.19
N LEU A 107 0.04 -2.70 -0.72
CA LEU A 107 0.45 -1.58 -1.58
C LEU A 107 1.60 -0.83 -0.91
N GLY A 108 2.47 -0.23 -1.71
CA GLY A 108 3.59 0.52 -1.17
C GLY A 108 4.72 -0.32 -0.58
N LYS A 109 5.55 0.31 0.23
CA LYS A 109 6.66 -0.37 0.87
C LYS A 109 6.12 -1.19 2.01
N GLY A 110 6.81 -2.29 2.33
CA GLY A 110 6.35 -3.13 3.41
C GLY A 110 6.21 -4.58 2.96
N GLN A 111 5.82 -5.46 3.87
CA GLN A 111 5.68 -6.87 3.52
C GLN A 111 4.46 -7.10 2.62
N GLY A 112 4.47 -8.21 1.91
CA GLY A 112 3.39 -8.50 0.99
C GLY A 112 3.75 -7.96 -0.38
N TYR A 113 2.95 -8.27 -1.39
CA TYR A 113 3.21 -7.82 -2.75
C TYR A 113 2.25 -6.71 -3.19
N SER A 114 2.76 -5.75 -3.94
CA SER A 114 1.94 -4.64 -4.44
C SER A 114 0.92 -5.06 -5.49
N LEU A 115 -0.37 -4.98 -5.15
CA LEU A 115 -1.42 -5.37 -6.09
C LEU A 115 -1.35 -4.47 -7.33
N PHE A 116 -1.03 -3.21 -7.11
CA PHE A 116 -0.91 -2.21 -8.17
C PHE A 116 0.14 -2.56 -9.23
N LEU A 117 1.36 -2.84 -8.77
CA LEU A 117 2.45 -3.17 -9.67
C LEU A 117 2.27 -4.50 -10.40
N VAL A 118 1.75 -5.51 -9.70
CA VAL A 118 1.53 -6.82 -10.31
C VAL A 118 0.41 -6.75 -11.36
N ALA A 119 -0.63 -5.97 -11.07
CA ALA A 119 -1.75 -5.80 -12.00
C ALA A 119 -1.26 -5.14 -13.29
N ALA A 120 -0.43 -4.11 -13.14
CA ALA A 120 0.13 -3.39 -14.28
C ALA A 120 0.82 -4.37 -15.22
N HIS A 121 1.61 -5.28 -14.65
CA HIS A 121 2.34 -6.31 -15.39
C HIS A 121 1.39 -7.30 -16.07
N GLN A 122 0.38 -7.77 -15.34
CA GLN A 122 -0.60 -8.72 -15.90
C GLN A 122 -1.36 -8.07 -17.06
N PHE A 123 -1.76 -6.81 -16.90
CA PHE A 123 -2.50 -6.13 -17.94
C PHE A 123 -1.63 -5.95 -19.17
N GLY A 124 -0.31 -5.89 -18.98
CA GLY A 124 0.59 -5.77 -20.10
C GLY A 124 0.42 -7.01 -20.99
N HIS A 125 0.36 -8.17 -20.36
CA HIS A 125 0.18 -9.42 -21.11
C HIS A 125 -1.20 -9.48 -21.76
N ALA A 126 -2.21 -8.99 -21.05
CA ALA A 126 -3.57 -8.99 -21.56
C ALA A 126 -3.72 -8.09 -22.79
N LEU A 127 -2.76 -7.19 -22.99
CA LEU A 127 -2.77 -6.29 -24.15
C LEU A 127 -1.92 -6.86 -25.30
N GLY A 128 -1.18 -7.92 -25.03
CA GLY A 128 -0.36 -8.54 -26.08
C GLY A 128 1.15 -8.47 -25.88
N LEU A 129 1.62 -7.78 -24.84
CA LEU A 129 3.05 -7.67 -24.61
C LEU A 129 3.67 -8.96 -24.07
N ASP A 130 4.91 -9.22 -24.48
CA ASP A 130 5.63 -10.40 -23.99
C ASP A 130 6.61 -9.91 -22.91
N HIS A 131 7.39 -10.82 -22.35
CA HIS A 131 8.35 -10.49 -21.32
C HIS A 131 9.54 -9.69 -21.88
N SER A 132 10.05 -8.75 -21.09
CA SER A 132 11.18 -7.92 -21.48
C SER A 132 12.48 -8.55 -20.97
N SER A 133 13.62 -8.05 -21.46
CA SER A 133 14.92 -8.56 -21.06
C SER A 133 15.64 -7.52 -20.21
N VAL A 134 15.04 -6.33 -20.10
CA VAL A 134 15.61 -5.25 -19.32
C VAL A 134 15.15 -5.37 -17.85
N PRO A 135 16.10 -5.59 -16.93
CA PRO A 135 15.81 -5.72 -15.50
C PRO A 135 14.96 -4.58 -14.93
N GLU A 136 15.14 -3.38 -15.48
CA GLU A 136 14.39 -2.22 -15.01
C GLU A 136 12.96 -2.14 -15.58
N ALA A 137 12.68 -2.88 -16.64
CA ALA A 137 11.36 -2.84 -17.26
C ALA A 137 10.26 -3.52 -16.44
N LEU A 138 9.04 -2.97 -16.53
CA LEU A 138 7.91 -3.53 -15.81
C LEU A 138 7.58 -4.94 -16.30
N MET A 139 7.82 -5.20 -17.58
CA MET A 139 7.52 -6.51 -18.14
C MET A 139 8.61 -7.55 -17.87
N TYR A 140 9.57 -7.19 -17.01
CA TYR A 140 10.63 -8.12 -16.63
C TYR A 140 9.92 -9.22 -15.84
N PRO A 141 10.21 -10.51 -16.12
CA PRO A 141 9.60 -11.67 -15.47
C PRO A 141 9.75 -11.87 -13.95
N MET A 142 10.53 -11.00 -13.30
CA MET A 142 10.74 -11.10 -11.85
C MET A 142 10.11 -9.92 -11.12
N TYR A 143 9.44 -10.20 -9.98
CA TYR A 143 8.83 -9.13 -9.22
C TYR A 143 9.88 -8.28 -8.50
N ARG A 144 9.72 -6.97 -8.56
CA ARG A 144 10.62 -6.05 -7.87
C ARG A 144 9.85 -4.77 -7.53
N PHE A 145 9.84 -4.40 -6.25
CA PHE A 145 9.11 -3.20 -5.88
C PHE A 145 9.86 -1.93 -6.25
N THR A 146 9.11 -0.93 -6.69
CA THR A 146 9.70 0.35 -7.08
C THR A 146 8.76 1.53 -6.85
N GLU A 147 9.35 2.67 -6.58
CA GLU A 147 8.60 3.91 -6.38
C GLU A 147 8.73 4.70 -7.69
N GLY A 148 7.95 5.77 -7.82
CA GLY A 148 8.03 6.55 -9.05
C GLY A 148 7.35 5.85 -10.22
N PRO A 149 7.45 6.42 -11.44
CA PRO A 149 6.85 5.87 -12.66
C PRO A 149 7.24 4.42 -12.92
N PRO A 150 6.25 3.53 -13.01
CA PRO A 150 6.45 2.10 -13.25
C PRO A 150 6.93 1.70 -14.65
N LEU A 151 6.42 2.36 -15.68
CA LEU A 151 6.80 2.01 -17.05
C LEU A 151 8.17 2.50 -17.49
N HIS A 152 8.96 1.57 -18.02
CA HIS A 152 10.30 1.87 -18.53
C HIS A 152 10.11 2.13 -20.02
N LYS A 153 11.04 2.87 -20.63
CA LYS A 153 10.96 3.17 -22.05
C LYS A 153 10.76 1.92 -22.88
N ASP A 154 11.32 0.81 -22.43
CA ASP A 154 11.18 -0.42 -23.16
C ASP A 154 9.72 -0.84 -23.19
N ASP A 155 9.01 -0.63 -22.08
CA ASP A 155 7.59 -0.97 -22.00
C ASP A 155 6.79 -0.04 -22.91
N VAL A 156 7.10 1.26 -22.86
CA VAL A 156 6.39 2.25 -23.67
C VAL A 156 6.57 1.99 -25.18
N ASN A 157 7.79 1.67 -25.59
CA ASN A 157 8.05 1.39 -26.99
C ASN A 157 7.34 0.12 -27.42
N GLY A 158 7.30 -0.86 -26.52
CA GLY A 158 6.65 -2.12 -26.82
C GLY A 158 5.17 -1.98 -27.05
N ILE A 159 4.47 -1.23 -26.20
CA ILE A 159 3.04 -1.06 -26.34
C ILE A 159 2.68 -0.22 -27.57
N ARG A 160 3.40 0.88 -27.78
CA ARG A 160 3.16 1.75 -28.94
C ARG A 160 3.39 1.02 -30.25
N HIS A 161 4.26 0.02 -30.23
CA HIS A 161 4.56 -0.73 -31.43
C HIS A 161 3.35 -1.55 -31.87
N LEU A 162 2.54 -1.98 -30.90
CA LEU A 162 1.34 -2.75 -31.20
C LEU A 162 0.14 -1.86 -31.51
N TYR A 163 -0.02 -0.81 -30.71
CA TYR A 163 -1.15 0.09 -30.87
C TYR A 163 -0.86 1.51 -31.34
N LEU B 9 10.60 18.15 27.28
CA LEU B 9 9.86 16.95 27.80
C LEU B 9 10.26 15.75 26.96
N LYS B 10 10.78 14.73 27.62
CA LYS B 10 11.23 13.53 26.89
C LYS B 10 11.33 12.29 27.77
N TRP B 11 11.63 11.16 27.15
CA TRP B 11 11.78 9.89 27.87
C TRP B 11 13.17 9.88 28.54
N HIS B 12 13.24 9.29 29.73
CA HIS B 12 14.49 9.20 30.46
C HIS B 12 15.22 7.88 30.24
N HIS B 13 14.63 7.00 29.45
CA HIS B 13 15.25 5.73 29.13
C HIS B 13 15.25 5.62 27.62
N HIS B 14 16.15 4.80 27.08
CA HIS B 14 16.23 4.65 25.63
C HIS B 14 15.62 3.35 25.10
N ASN B 15 15.34 2.39 25.98
CA ASN B 15 14.75 1.14 25.55
C ASN B 15 13.24 1.21 25.71
N ILE B 16 12.62 1.91 24.75
CA ILE B 16 11.18 2.14 24.71
C ILE B 16 10.37 0.93 24.25
N THR B 17 9.22 0.72 24.90
CA THR B 17 8.35 -0.40 24.58
C THR B 17 6.99 0.07 24.05
N TYR B 18 6.38 -0.74 23.20
CA TYR B 18 5.07 -0.39 22.66
C TYR B 18 4.11 -1.58 22.62
N TRP B 19 2.83 -1.29 22.71
CA TRP B 19 1.81 -2.32 22.70
C TRP B 19 0.69 -2.00 21.71
N ILE B 20 0.49 -2.90 20.74
CA ILE B 20 -0.57 -2.73 19.75
C ILE B 20 -1.80 -3.41 20.33
N GLN B 21 -2.63 -2.62 21.01
CA GLN B 21 -3.84 -3.10 21.66
C GLN B 21 -4.88 -3.70 20.72
N ASN B 22 -5.14 -3.05 19.60
CA ASN B 22 -6.11 -3.57 18.66
C ASN B 22 -5.81 -3.20 17.22
N TYR B 23 -6.70 -3.60 16.32
CA TYR B 23 -6.49 -3.35 14.91
C TYR B 23 -7.65 -2.69 14.18
N SER B 24 -7.38 -2.29 12.94
CA SER B 24 -8.37 -1.68 12.07
C SER B 24 -8.92 -2.78 11.16
N GLU B 25 -10.15 -2.61 10.70
CA GLU B 25 -10.74 -3.61 9.83
C GLU B 25 -10.32 -3.43 8.37
N ASP B 26 -9.54 -2.37 8.09
CA ASP B 26 -9.10 -2.07 6.72
C ASP B 26 -7.91 -2.86 6.18
N LEU B 27 -7.07 -3.35 7.08
CA LEU B 27 -5.87 -4.07 6.66
C LEU B 27 -5.60 -5.32 7.51
N PRO B 28 -4.79 -6.24 6.98
CA PRO B 28 -4.44 -7.48 7.69
C PRO B 28 -3.53 -7.18 8.89
N ARG B 29 -3.62 -8.01 9.92
CA ARG B 29 -2.78 -7.82 11.11
C ARG B 29 -1.31 -7.70 10.75
N ALA B 30 -0.84 -8.60 9.89
CA ALA B 30 0.56 -8.61 9.49
C ALA B 30 1.01 -7.32 8.82
N VAL B 31 0.15 -6.72 8.01
CA VAL B 31 0.50 -5.48 7.34
C VAL B 31 0.58 -4.34 8.36
N ILE B 32 -0.33 -4.35 9.32
CA ILE B 32 -0.34 -3.32 10.35
C ILE B 32 0.87 -3.42 11.28
N ASP B 33 1.17 -4.61 11.76
CA ASP B 33 2.35 -4.78 12.63
C ASP B 33 3.59 -4.24 11.92
N ASP B 34 3.76 -4.65 10.67
CA ASP B 34 4.91 -4.24 9.87
C ASP B 34 5.01 -2.72 9.66
N ALA B 35 3.88 -2.09 9.36
CA ALA B 35 3.83 -0.65 9.16
C ALA B 35 4.30 0.10 10.41
N PHE B 36 3.79 -0.31 11.57
CA PHE B 36 4.19 0.34 12.81
C PHE B 36 5.68 0.14 13.08
N ALA B 37 6.16 -1.08 12.85
CA ALA B 37 7.58 -1.37 13.08
C ALA B 37 8.48 -0.53 12.16
N ARG B 38 8.15 -0.43 10.88
CA ARG B 38 8.94 0.37 9.95
C ARG B 38 8.93 1.84 10.34
N ALA B 39 7.81 2.29 10.91
CA ALA B 39 7.67 3.67 11.35
C ALA B 39 8.59 3.96 12.53
N PHE B 40 8.68 3.01 13.45
CA PHE B 40 9.57 3.19 14.60
C PHE B 40 11.02 3.15 14.12
N ALA B 41 11.29 2.31 13.13
CA ALA B 41 12.63 2.15 12.58
C ALA B 41 13.21 3.46 12.01
N LEU B 42 12.36 4.34 11.50
CA LEU B 42 12.85 5.61 10.96
C LEU B 42 13.56 6.40 12.05
N TRP B 43 12.94 6.48 13.21
CA TRP B 43 13.49 7.24 14.34
C TRP B 43 14.69 6.61 15.03
N SER B 44 14.67 5.29 15.22
CA SER B 44 15.78 4.65 15.88
C SER B 44 17.03 4.71 14.99
N ALA B 45 16.82 4.87 13.69
CA ALA B 45 17.94 4.94 12.76
C ALA B 45 18.82 6.17 13.01
N VAL B 46 18.22 7.25 13.47
CA VAL B 46 18.98 8.48 13.70
C VAL B 46 19.17 8.87 15.17
N THR B 47 18.95 7.91 16.07
CA THR B 47 19.10 8.14 17.50
C THR B 47 19.54 6.86 18.22
N PRO B 48 19.86 6.97 19.52
CA PRO B 48 20.29 5.80 20.29
C PRO B 48 19.10 5.03 20.88
N LEU B 49 17.89 5.43 20.48
CA LEU B 49 16.67 4.76 20.96
C LEU B 49 16.42 3.40 20.29
N THR B 50 15.73 2.51 21.00
CA THR B 50 15.35 1.21 20.47
C THR B 50 13.88 1.05 20.83
N PHE B 51 13.18 0.18 20.10
CA PHE B 51 11.76 -0.03 20.33
C PHE B 51 11.44 -1.53 20.42
N THR B 52 10.80 -1.92 21.52
CA THR B 52 10.47 -3.32 21.74
C THR B 52 8.98 -3.57 21.89
N ARG B 53 8.46 -4.51 21.11
CA ARG B 53 7.06 -4.82 21.15
C ARG B 53 6.74 -5.72 22.34
N VAL B 54 5.78 -5.30 23.16
CA VAL B 54 5.37 -6.09 24.30
C VAL B 54 3.87 -6.33 24.17
N TYR B 55 3.28 -7.06 25.11
CA TYR B 55 1.84 -7.33 25.03
C TYR B 55 1.07 -6.98 26.30
N SER B 56 1.53 -5.95 27.01
CA SER B 56 0.87 -5.53 28.24
C SER B 56 0.79 -4.01 28.45
N ARG B 57 -0.15 -3.61 29.29
CA ARG B 57 -0.39 -2.20 29.60
C ARG B 57 0.84 -1.55 30.26
N ASP B 58 1.90 -2.33 30.42
CA ASP B 58 3.11 -1.82 31.01
C ASP B 58 4.00 -1.16 29.95
N ALA B 59 3.55 -1.21 28.70
CA ALA B 59 4.31 -0.60 27.59
C ALA B 59 4.34 0.91 27.71
N ASP B 60 5.38 1.55 27.19
CA ASP B 60 5.46 3.01 27.28
C ASP B 60 4.46 3.63 26.32
N ILE B 61 4.46 3.13 25.09
CA ILE B 61 3.58 3.62 24.04
C ILE B 61 2.49 2.60 23.68
N VAL B 62 1.25 2.89 24.08
CA VAL B 62 0.13 2.03 23.77
C VAL B 62 -0.57 2.56 22.50
N ILE B 63 -0.78 1.66 21.54
CA ILE B 63 -1.41 1.99 20.27
C ILE B 63 -2.83 1.47 20.21
N GLN B 64 -3.75 2.32 19.78
CA GLN B 64 -5.17 1.95 19.72
C GLN B 64 -5.90 2.59 18.53
N PHE B 65 -6.85 1.85 17.96
CA PHE B 65 -7.69 2.34 16.87
C PHE B 65 -9.06 2.55 17.52
N GLY B 66 -9.71 3.66 17.21
CA GLY B 66 -11.03 3.91 17.82
C GLY B 66 -11.91 4.81 16.97
N VAL B 67 -13.20 4.89 17.30
CA VAL B 67 -14.11 5.77 16.57
C VAL B 67 -14.86 6.65 17.56
N ALA B 68 -15.08 7.91 17.21
CA ALA B 68 -15.78 8.84 18.08
C ALA B 68 -15.17 8.80 19.48
N GLU B 69 -16.04 8.64 20.48
CA GLU B 69 -15.60 8.57 21.88
C GLU B 69 -14.91 7.24 22.11
N HIS B 70 -13.69 7.29 22.63
CA HIS B 70 -12.94 6.07 22.85
C HIS B 70 -12.14 6.01 24.15
N GLY B 71 -12.56 6.74 25.17
CA GLY B 71 -11.84 6.69 26.43
C GLY B 71 -11.40 8.01 27.03
N ASP B 72 -10.37 8.64 26.44
CA ASP B 72 -9.89 9.92 26.93
C ASP B 72 -10.96 10.98 26.69
N GLY B 73 -10.63 12.24 26.91
CA GLY B 73 -11.60 13.28 26.68
C GLY B 73 -11.38 13.93 25.34
N TYR B 74 -11.09 13.10 24.33
CA TYR B 74 -10.83 13.61 23.00
C TYR B 74 -11.38 12.69 21.92
N PRO B 75 -12.68 12.81 21.63
CA PRO B 75 -13.29 11.96 20.61
C PRO B 75 -12.87 12.35 19.19
N PHE B 76 -12.86 11.39 18.29
CA PHE B 76 -12.50 11.65 16.89
C PHE B 76 -13.74 12.21 16.19
N ASP B 77 -13.55 12.81 15.02
CA ASP B 77 -14.64 13.44 14.28
C ASP B 77 -15.14 12.78 13.00
N GLY B 78 -15.20 11.45 12.96
CA GLY B 78 -15.69 10.78 11.77
C GLY B 78 -14.77 10.95 10.57
N LYS B 79 -15.21 10.51 9.40
CA LYS B 79 -14.38 10.62 8.19
C LYS B 79 -13.69 11.97 8.00
N ASP B 80 -12.43 11.92 7.58
CA ASP B 80 -11.62 13.11 7.33
C ASP B 80 -11.45 14.01 8.54
N GLY B 81 -10.73 15.11 8.36
CA GLY B 81 -10.49 16.04 9.44
C GLY B 81 -9.31 15.52 10.23
N LEU B 82 -9.44 15.48 11.56
CA LEU B 82 -8.37 14.99 12.42
C LEU B 82 -8.15 13.51 12.12
N LEU B 83 -6.93 13.15 11.73
CA LEU B 83 -6.65 11.75 11.41
C LEU B 83 -6.27 10.88 12.62
N ALA B 84 -5.57 11.49 13.56
CA ALA B 84 -5.11 10.78 14.75
C ALA B 84 -4.51 11.76 15.75
N HIS B 85 -4.13 11.26 16.92
CA HIS B 85 -3.51 12.10 17.93
C HIS B 85 -2.73 11.27 18.93
N ALA B 86 -1.73 11.90 19.56
CA ALA B 86 -0.88 11.23 20.52
C ALA B 86 -0.59 12.16 21.68
N PHE B 87 0.07 11.65 22.71
CA PHE B 87 0.40 12.45 23.87
C PHE B 87 1.90 12.48 24.11
N PRO B 88 2.41 13.57 24.71
CA PRO B 88 3.84 13.74 25.02
C PRO B 88 4.31 12.70 26.03
N PRO B 89 5.63 12.43 26.08
CA PRO B 89 6.20 11.45 27.01
C PRO B 89 5.73 11.62 28.46
N GLY B 90 5.58 10.50 29.17
CA GLY B 90 5.13 10.52 30.55
C GLY B 90 4.45 9.22 30.94
N PRO B 91 3.86 9.13 32.14
CA PRO B 91 3.19 7.91 32.60
C PRO B 91 1.71 7.85 32.20
N GLY B 92 1.11 6.67 32.32
CA GLY B 92 -0.29 6.54 31.98
C GLY B 92 -0.61 6.75 30.51
N ILE B 93 -1.62 7.54 30.21
CA ILE B 93 -1.99 7.77 28.82
C ILE B 93 -0.92 8.56 28.05
N GLN B 94 -0.02 9.21 28.77
CA GLN B 94 1.05 9.99 28.16
C GLN B 94 1.92 9.11 27.28
N GLY B 95 2.18 9.56 26.06
CA GLY B 95 3.00 8.79 25.14
C GLY B 95 2.22 7.87 24.21
N ASP B 96 0.94 7.67 24.50
CA ASP B 96 0.11 6.78 23.67
C ASP B 96 -0.26 7.43 22.32
N ALA B 97 -0.70 6.61 21.37
CA ALA B 97 -1.07 7.09 20.04
C ALA B 97 -2.37 6.40 19.59
N HIS B 98 -3.35 7.20 19.18
CA HIS B 98 -4.63 6.70 18.75
C HIS B 98 -4.91 7.08 17.29
N PHE B 99 -5.57 6.18 16.57
CA PHE B 99 -5.88 6.40 15.17
C PHE B 99 -7.39 6.33 14.93
N ASP B 100 -7.91 7.30 14.18
CA ASP B 100 -9.34 7.35 13.90
C ASP B 100 -9.70 6.30 12.86
N ASP B 101 -10.44 5.27 13.27
CA ASP B 101 -10.81 4.21 12.35
C ASP B 101 -12.00 4.54 11.46
N ASP B 102 -12.52 5.76 11.53
CA ASP B 102 -13.59 6.09 10.63
C ASP B 102 -12.93 6.47 9.30
N GLU B 103 -11.61 6.59 9.31
CA GLU B 103 -10.82 6.92 8.11
C GLU B 103 -10.52 5.63 7.36
N LEU B 104 -10.25 5.73 6.05
CA LEU B 104 -9.89 4.53 5.28
C LEU B 104 -8.36 4.44 5.32
N TRP B 105 -7.83 3.44 6.03
CA TRP B 105 -6.39 3.26 6.12
C TRP B 105 -5.87 2.36 5.01
N SER B 106 -4.75 2.77 4.42
CA SER B 106 -4.12 2.02 3.34
C SER B 106 -2.61 2.32 3.35
N LEU B 107 -1.95 2.08 2.22
CA LEU B 107 -0.51 2.33 2.12
C LEU B 107 -0.13 2.71 0.69
N GLY B 108 0.86 3.58 0.54
CA GLY B 108 1.31 3.99 -0.79
C GLY B 108 0.40 4.93 -1.55
N LYS B 109 0.55 4.92 -2.87
CA LYS B 109 -0.25 5.74 -3.77
C LYS B 109 -1.69 5.23 -3.85
N GLY B 110 -2.65 6.15 -3.93
CA GLY B 110 -4.04 5.73 -4.03
C GLY B 110 -4.95 6.40 -3.01
N GLN B 111 -6.23 6.06 -3.02
CA GLN B 111 -7.15 6.66 -2.07
C GLN B 111 -6.92 6.16 -0.64
N GLY B 112 -7.44 6.89 0.33
CA GLY B 112 -7.24 6.52 1.72
C GLY B 112 -5.95 7.16 2.22
N TYR B 113 -5.72 7.09 3.53
CA TYR B 113 -4.52 7.68 4.13
C TYR B 113 -3.46 6.63 4.44
N SER B 114 -2.20 6.99 4.29
CA SER B 114 -1.10 6.07 4.57
C SER B 114 -0.94 5.86 6.09
N LEU B 115 -1.16 4.63 6.55
CA LEU B 115 -1.01 4.34 7.97
C LEU B 115 0.46 4.53 8.37
N PHE B 116 1.36 4.13 7.48
CA PHE B 116 2.81 4.23 7.73
C PHE B 116 3.28 5.67 8.00
N LEU B 117 2.88 6.58 7.11
CA LEU B 117 3.28 7.98 7.25
C LEU B 117 2.64 8.67 8.46
N VAL B 118 1.36 8.38 8.70
CA VAL B 118 0.66 8.99 9.82
C VAL B 118 1.25 8.48 11.15
N ALA B 119 1.59 7.19 11.20
CA ALA B 119 2.16 6.60 12.41
C ALA B 119 3.51 7.25 12.72
N ALA B 120 4.30 7.49 11.68
CA ALA B 120 5.63 8.09 11.83
C ALA B 120 5.50 9.47 12.50
N HIS B 121 4.48 10.22 12.10
CA HIS B 121 4.19 11.55 12.63
C HIS B 121 3.72 11.46 14.08
N GLN B 122 2.79 10.54 14.36
CA GLN B 122 2.27 10.35 15.71
C GLN B 122 3.38 9.95 16.67
N PHE B 123 4.25 9.04 16.24
CA PHE B 123 5.34 8.59 17.08
C PHE B 123 6.32 9.73 17.36
N GLY B 124 6.38 10.69 16.43
CA GLY B 124 7.25 11.83 16.62
C GLY B 124 6.82 12.54 17.89
N HIS B 125 5.52 12.75 18.02
CA HIS B 125 4.96 13.40 19.19
C HIS B 125 5.18 12.58 20.46
N ALA B 126 4.96 11.26 20.37
CA ALA B 126 5.15 10.38 21.53
C ALA B 126 6.59 10.40 22.04
N LEU B 127 7.50 10.92 21.22
CA LEU B 127 8.92 10.99 21.60
C LEU B 127 9.28 12.39 22.13
N GLY B 128 8.34 13.32 22.00
CA GLY B 128 8.58 14.65 22.51
C GLY B 128 8.67 15.75 21.48
N LEU B 129 8.64 15.39 20.20
CA LEU B 129 8.72 16.41 19.15
C LEU B 129 7.44 17.22 19.03
N ASP B 130 7.63 18.48 18.63
CA ASP B 130 6.53 19.41 18.44
C ASP B 130 6.26 19.56 16.94
N HIS B 131 5.27 20.38 16.57
CA HIS B 131 4.97 20.61 15.16
C HIS B 131 6.05 21.45 14.52
N SER B 132 6.34 21.18 13.25
CA SER B 132 7.36 21.93 12.52
C SER B 132 6.69 23.02 11.70
N SER B 133 7.50 23.93 11.19
CA SER B 133 7.01 25.04 10.37
C SER B 133 7.42 24.79 8.92
N VAL B 134 8.19 23.73 8.71
CA VAL B 134 8.63 23.35 7.38
C VAL B 134 7.51 22.52 6.77
N PRO B 135 6.71 23.13 5.87
CA PRO B 135 5.60 22.43 5.24
C PRO B 135 5.99 21.08 4.64
N GLU B 136 7.27 20.88 4.39
CA GLU B 136 7.72 19.61 3.83
C GLU B 136 8.32 18.68 4.88
N ALA B 137 8.36 19.11 6.14
CA ALA B 137 8.89 18.27 7.21
C ALA B 137 7.77 17.34 7.66
N LEU B 138 8.12 16.11 8.06
CA LEU B 138 7.14 15.14 8.52
C LEU B 138 6.28 15.72 9.64
N MET B 139 6.92 16.40 10.59
CA MET B 139 6.18 16.98 11.72
C MET B 139 5.31 18.19 11.38
N TYR B 140 5.14 18.46 10.09
CA TYR B 140 4.29 19.56 9.65
C TYR B 140 2.86 19.12 9.98
N PRO B 141 2.06 20.01 10.60
CA PRO B 141 0.67 19.74 11.02
C PRO B 141 -0.40 19.31 10.01
N MET B 142 -0.08 19.27 8.73
CA MET B 142 -1.09 18.86 7.75
C MET B 142 -0.61 17.64 6.96
N TYR B 143 -1.53 16.72 6.69
CA TYR B 143 -1.20 15.50 5.95
C TYR B 143 -0.86 15.75 4.49
N ARG B 144 0.14 15.02 4.00
CA ARG B 144 0.59 15.12 2.61
C ARG B 144 1.35 13.85 2.29
N PHE B 145 0.94 13.14 1.25
CA PHE B 145 1.62 11.90 0.88
C PHE B 145 2.94 12.14 0.15
N THR B 146 3.92 11.30 0.42
CA THR B 146 5.22 11.42 -0.22
C THR B 146 5.94 10.08 -0.35
N GLU B 147 6.74 9.96 -1.42
CA GLU B 147 7.52 8.76 -1.66
C GLU B 147 8.94 9.06 -1.18
N GLY B 148 9.79 8.04 -1.11
CA GLY B 148 11.16 8.26 -0.66
C GLY B 148 11.25 8.51 0.83
N PRO B 149 12.44 8.83 1.36
CA PRO B 149 12.68 9.09 2.79
C PRO B 149 11.70 10.12 3.40
N PRO B 150 10.96 9.70 4.44
CA PRO B 150 9.98 10.54 5.13
C PRO B 150 10.53 11.68 5.99
N LEU B 151 11.64 11.42 6.70
CA LEU B 151 12.21 12.42 7.58
C LEU B 151 13.00 13.53 6.89
N HIS B 152 12.60 14.76 7.16
CA HIS B 152 13.28 15.92 6.61
C HIS B 152 14.38 16.30 7.59
N LYS B 153 15.42 16.97 7.11
CA LYS B 153 16.53 17.37 7.95
C LYS B 153 16.09 18.15 9.19
N ASP B 154 14.91 18.76 9.13
CA ASP B 154 14.39 19.50 10.28
C ASP B 154 13.94 18.49 11.36
N ASP B 155 13.35 17.38 10.92
CA ASP B 155 12.90 16.34 11.83
C ASP B 155 14.09 15.69 12.51
N VAL B 156 15.11 15.36 11.72
CA VAL B 156 16.31 14.72 12.23
C VAL B 156 17.03 15.57 13.28
N ASN B 157 17.13 16.87 13.04
CA ASN B 157 17.78 17.77 13.98
C ASN B 157 16.98 17.88 15.26
N GLY B 158 15.66 17.95 15.10
CA GLY B 158 14.79 18.06 16.26
C GLY B 158 14.87 16.88 17.20
N ILE B 159 14.91 15.67 16.66
CA ILE B 159 14.97 14.48 17.50
C ILE B 159 16.36 14.35 18.13
N ARG B 160 17.39 14.63 17.34
CA ARG B 160 18.77 14.54 17.85
C ARG B 160 19.03 15.55 18.96
N HIS B 161 18.29 16.66 18.94
CA HIS B 161 18.45 17.66 19.97
C HIS B 161 17.98 17.14 21.34
N LEU B 162 16.94 16.31 21.31
CA LEU B 162 16.37 15.74 22.53
C LEU B 162 17.12 14.51 23.03
N TYR B 163 17.47 13.62 22.10
CA TYR B 163 18.15 12.39 22.46
C TYR B 163 19.58 12.29 21.95
#